data_6UZX
#
_entry.id   6UZX
#
_cell.length_a   58.987
_cell.length_b   85.081
_cell.length_c   120.412
_cell.angle_alpha   90.000
_cell.angle_beta   90.000
_cell.angle_gamma   90.000
#
_symmetry.space_group_name_H-M   'P 21 21 21'
#
loop_
_entity.id
_entity.type
_entity.pdbx_description
1 polymer 'Glutamate receptor ionotropic, NMDA 1'
2 polymer 'Glutamate receptor ionotropic, NMDA 2A'
3 non-polymer GLYCEROL
4 non-polymer GLYCINE
5 non-polymer '(2S,3R)-1-[7-(2-carboxyethyl)phenanthrene-2-carbonyl]piperazine-2,3-dicarboxylic acid'
6 water water
#
loop_
_entity_poly.entity_id
_entity_poly.type
_entity_poly.pdbx_seq_one_letter_code
_entity_poly.pdbx_strand_id
1 'polypeptide(L)'
;GMSTRLKIVTIHQEPFVYVKPTMSDGTCKEEFTVNGDPVKKVICTGPNDTSPGSPRHTVPQCCYGFCIDLLIKLARTMNF
TYEVHLVADGKFGTQERVNNSNKKEWNGMMGELLSGQADMIVAPLTINNERAQYIEFSKPFKYQGLTILVKKGTRITGIN
DPRLRNPSDKFIYATVKQSSVDIYFRRQVELSTMYRHMEKHNYESAAEAIQAVRDNKLHAFIWDSAVLEFEASQKCDLVT
TGELFFRSGFGIGMRKDSPWKQNVSLSILKSHENGFMEDLDKTWVRYQECDS
;
A
2 'polypeptide(L)'
;DDNHLSIVTLEERPFVIVEDIDPLTETCVRNTVPCRKFVKINNSTNEGMNVKKCCKGFCIDILKKLSRTVKFTYDLYLVT
NGKHGKKVNNVWNGMIGEVVYQRAVMAVGSLTINEERSEVVDFSVPFVETGISVMVSRGTQVTGLSDKKFQRPHDYSPPF
RFGTVPNGSTERNIRNNYPYMHQYMTRFNQRGVEDALVSLKTGKLDAFIYDAAVLNYMARKDEGCKLVTIGSGYIFATTG
YGIALQKGSPWKRQIDLALLQFVGDGEMEELETLWLTGICHN
;
B
#
loop_
_chem_comp.id
_chem_comp.type
_chem_comp.name
_chem_comp.formula
GOL non-polymer GLYCEROL 'C3 H8 O3'
QM4 non-polymer '(2S,3R)-1-[7-(2-carboxyethyl)phenanthrene-2-carbonyl]piperazine-2,3-dicarboxylic acid' 'C24 H22 N2 O7'
#
# COMPACT_ATOMS: atom_id res chain seq x y z
N THR A 4 16.29 -22.62 3.96
CA THR A 4 17.28 -23.46 3.29
C THR A 4 17.15 -23.32 1.78
N ARG A 5 16.40 -24.23 1.16
CA ARG A 5 16.23 -24.27 -0.30
C ARG A 5 14.74 -24.13 -0.59
N LEU A 6 14.31 -22.92 -0.94
CA LEU A 6 12.90 -22.62 -1.11
C LEU A 6 12.49 -22.78 -2.58
N LYS A 7 11.30 -23.33 -2.79
CA LYS A 7 10.73 -23.47 -4.13
C LYS A 7 9.88 -22.24 -4.41
N ILE A 8 10.38 -21.35 -5.26
CA ILE A 8 9.72 -20.09 -5.56
C ILE A 8 8.82 -20.29 -6.78
N VAL A 9 7.58 -19.85 -6.68
CA VAL A 9 6.65 -19.86 -7.80
C VAL A 9 6.35 -18.41 -8.18
N THR A 10 6.26 -18.16 -9.48
CA THR A 10 6.00 -16.83 -10.01
C THR A 10 5.16 -16.97 -11.26
N ILE A 11 4.88 -15.83 -11.91
CA ILE A 11 4.00 -15.79 -13.06
C ILE A 11 4.50 -14.71 -14.02
N HIS A 12 4.30 -14.95 -15.32
CA HIS A 12 4.67 -13.96 -16.32
C HIS A 12 3.74 -12.76 -16.21
N GLN A 13 4.32 -11.60 -15.92
CA GLN A 13 3.53 -10.40 -15.71
C GLN A 13 4.49 -9.19 -15.76
N GLU A 14 4.72 -8.69 -16.96
CA GLU A 14 5.55 -7.50 -17.12
C GLU A 14 4.86 -6.30 -16.48
N PRO A 15 5.62 -5.38 -15.85
CA PRO A 15 7.08 -5.33 -15.77
C PRO A 15 7.63 -6.02 -14.54
N PHE A 16 6.80 -6.77 -13.82
CA PHE A 16 7.25 -7.38 -12.57
C PHE A 16 8.01 -8.68 -12.82
N VAL A 17 7.63 -9.46 -13.81
CA VAL A 17 8.34 -10.68 -14.17
C VAL A 17 8.37 -10.78 -15.70
N TYR A 18 9.56 -10.80 -16.28
CA TYR A 18 9.75 -11.07 -17.69
C TYR A 18 10.14 -12.52 -17.88
N VAL A 19 9.68 -13.12 -18.98
CA VAL A 19 10.02 -14.50 -19.33
C VAL A 19 10.59 -14.50 -20.74
N LYS A 20 11.85 -14.92 -20.86
CA LYS A 20 12.54 -15.00 -22.14
C LYS A 20 13.20 -16.37 -22.29
N PRO A 21 13.36 -16.84 -23.52
CA PRO A 21 14.05 -18.12 -23.71
C PRO A 21 15.51 -18.02 -23.31
N THR A 22 16.07 -19.16 -22.92
CA THR A 22 17.50 -19.25 -22.70
C THR A 22 18.22 -19.21 -24.06
N MET A 23 19.53 -19.02 -24.00
CA MET A 23 20.34 -19.14 -25.21
C MET A 23 20.56 -20.63 -25.51
N SER A 24 21.24 -20.90 -26.62
CA SER A 24 21.45 -22.29 -27.03
CA SER A 24 21.45 -22.28 -27.04
C SER A 24 22.22 -23.08 -25.99
N ASP A 25 23.16 -22.42 -25.31
CA ASP A 25 23.97 -23.09 -24.30
C ASP A 25 23.27 -23.21 -22.95
N GLY A 26 22.02 -22.77 -22.84
CA GLY A 26 21.25 -22.93 -21.63
C GLY A 26 21.42 -21.85 -20.59
N THR A 27 22.06 -20.74 -20.92
CA THR A 27 22.22 -19.62 -20.00
C THR A 27 21.45 -18.41 -20.52
N CYS A 28 21.37 -17.38 -19.68
CA CYS A 28 20.63 -16.17 -19.99
C CYS A 28 21.59 -15.11 -20.51
N LYS A 29 21.19 -14.42 -21.58
CA LYS A 29 22.05 -13.43 -22.22
C LYS A 29 22.31 -12.27 -21.27
N GLU A 30 23.59 -11.88 -21.16
CA GLU A 30 23.93 -10.71 -20.35
C GLU A 30 23.29 -9.46 -20.95
N GLU A 31 22.75 -8.62 -20.09
CA GLU A 31 21.97 -7.48 -20.53
C GLU A 31 21.97 -6.41 -19.44
N PHE A 32 21.87 -5.16 -19.86
CA PHE A 32 21.82 -4.03 -18.94
C PHE A 32 20.56 -3.23 -19.20
N THR A 33 20.12 -2.51 -18.16
CA THR A 33 18.95 -1.66 -18.31
C THR A 33 19.30 -0.41 -19.11
N VAL A 34 18.27 0.38 -19.43
CA VAL A 34 18.46 1.64 -20.12
C VAL A 34 19.31 2.60 -19.30
N ASN A 35 19.33 2.42 -17.98
CA ASN A 35 20.10 3.29 -17.09
C ASN A 35 21.49 2.74 -16.79
N GLY A 36 21.85 1.58 -17.34
CA GLY A 36 23.18 1.03 -17.16
C GLY A 36 23.33 0.05 -16.01
N ASP A 37 22.24 -0.34 -15.36
CA ASP A 37 22.38 -1.31 -14.27
C ASP A 37 22.29 -2.74 -14.81
N PRO A 38 23.06 -3.66 -14.26
CA PRO A 38 22.98 -5.05 -14.71
C PRO A 38 21.61 -5.65 -14.49
N VAL A 39 21.12 -6.38 -15.48
CA VAL A 39 19.86 -7.11 -15.38
C VAL A 39 20.15 -8.46 -14.74
N LYS A 40 19.57 -8.70 -13.57
CA LYS A 40 19.79 -9.94 -12.84
C LYS A 40 18.73 -10.96 -13.28
N LYS A 41 19.19 -12.04 -13.91
CA LYS A 41 18.33 -13.06 -14.50
C LYS A 41 18.56 -14.39 -13.79
N VAL A 42 17.47 -15.08 -13.47
CA VAL A 42 17.54 -16.39 -12.84
C VAL A 42 16.88 -17.40 -13.76
N ILE A 43 17.29 -18.65 -13.64
CA ILE A 43 16.68 -19.74 -14.41
C ILE A 43 15.35 -20.08 -13.77
N CYS A 44 14.27 -20.03 -14.57
CA CYS A 44 12.94 -20.40 -14.11
C CYS A 44 12.37 -21.43 -15.07
N THR A 45 11.97 -22.57 -14.52
CA THR A 45 11.38 -23.64 -15.32
C THR A 45 9.87 -23.46 -15.42
N GLY A 46 9.29 -24.04 -16.46
CA GLY A 46 7.86 -23.94 -16.66
C GLY A 46 7.43 -24.39 -18.03
N PRO A 47 6.15 -24.25 -18.34
CA PRO A 47 5.66 -24.59 -19.68
C PRO A 47 6.04 -23.51 -20.68
N ASN A 48 6.26 -23.96 -21.92
CA ASN A 48 6.66 -23.05 -22.99
C ASN A 48 5.63 -23.05 -24.12
N HIS A 57 5.13 -30.01 -21.49
CA HIS A 57 6.37 -30.35 -20.80
C HIS A 57 7.06 -29.11 -20.24
N THR A 58 8.03 -29.33 -19.35
CA THR A 58 8.71 -28.26 -18.64
C THR A 58 10.06 -27.96 -19.29
N VAL A 59 10.36 -26.67 -19.45
CA VAL A 59 11.59 -26.21 -20.09
C VAL A 59 12.21 -25.10 -19.26
N PRO A 60 13.53 -25.08 -19.09
CA PRO A 60 14.15 -23.94 -18.39
C PRO A 60 14.05 -22.66 -19.20
N GLN A 61 13.79 -21.56 -18.51
CA GLN A 61 13.65 -20.25 -19.14
C GLN A 61 14.33 -19.20 -18.27
N CYS A 62 14.36 -17.97 -18.77
CA CYS A 62 15.01 -16.85 -18.10
C CYS A 62 13.97 -15.91 -17.51
N CYS A 63 14.10 -15.59 -16.23
CA CYS A 63 13.19 -14.70 -15.54
C CYS A 63 13.95 -13.49 -15.00
N TYR A 64 13.36 -12.31 -15.13
CA TYR A 64 13.92 -11.09 -14.55
C TYR A 64 12.80 -10.07 -14.40
N GLY A 65 13.10 -9.02 -13.63
CA GLY A 65 12.13 -7.96 -13.38
C GLY A 65 12.07 -7.49 -11.94
N PHE A 66 11.12 -6.60 -11.67
CA PHE A 66 10.88 -6.07 -10.34
C PHE A 66 10.87 -7.19 -9.29
N CYS A 67 9.98 -8.16 -9.47
CA CYS A 67 9.82 -9.22 -8.47
C CYS A 67 11.05 -10.11 -8.39
N ILE A 68 11.80 -10.24 -9.47
CA ILE A 68 13.01 -11.05 -9.43
C ILE A 68 14.11 -10.33 -8.66
N ASP A 69 14.22 -9.01 -8.85
CA ASP A 69 15.14 -8.22 -8.03
C ASP A 69 14.77 -8.32 -6.55
N LEU A 70 13.47 -8.32 -6.25
CA LEU A 70 13.03 -8.43 -4.87
C LEU A 70 13.43 -9.78 -4.28
N LEU A 71 13.21 -10.87 -5.02
CA LEU A 71 13.60 -12.19 -4.56
C LEU A 71 15.08 -12.26 -4.24
N ILE A 72 15.92 -11.70 -5.13
CA ILE A 72 17.37 -11.74 -4.91
C ILE A 72 17.74 -10.98 -3.64
N LYS A 73 17.11 -9.83 -3.41
CA LYS A 73 17.38 -9.08 -2.19
C LYS A 73 16.97 -9.88 -0.96
N LEU A 74 15.81 -10.54 -1.01
CA LEU A 74 15.35 -11.33 0.11
C LEU A 74 16.28 -12.51 0.39
N ALA A 75 16.70 -13.22 -0.66
CA ALA A 75 17.59 -14.36 -0.49
C ALA A 75 18.93 -13.94 0.08
N ARG A 76 19.39 -12.72 -0.23
CA ARG A 76 20.65 -12.24 0.31
C ARG A 76 20.50 -11.80 1.76
N THR A 77 19.43 -11.06 2.07
CA THR A 77 19.25 -10.54 3.42
C THR A 77 19.07 -11.66 4.44
N MET A 78 18.19 -12.62 4.15
CA MET A 78 17.88 -13.71 5.06
C MET A 78 18.73 -14.96 4.79
N ASN A 79 19.57 -14.94 3.76
CA ASN A 79 20.50 -16.04 3.44
C ASN A 79 19.77 -17.37 3.29
N PHE A 80 19.00 -17.46 2.20
CA PHE A 80 18.42 -18.72 1.78
C PHE A 80 18.63 -18.89 0.29
N THR A 81 18.68 -20.15 -0.15
CA THR A 81 18.78 -20.48 -1.56
C THR A 81 17.39 -20.79 -2.11
N TYR A 82 17.28 -20.79 -3.43
CA TYR A 82 15.98 -20.87 -4.07
C TYR A 82 16.10 -21.53 -5.43
N GLU A 83 14.96 -22.03 -5.92
CA GLU A 83 14.78 -22.43 -7.31
C GLU A 83 13.43 -21.91 -7.76
N VAL A 84 13.39 -21.29 -8.93
CA VAL A 84 12.21 -20.60 -9.42
C VAL A 84 11.56 -21.41 -10.53
N HIS A 85 10.24 -21.52 -10.48
CA HIS A 85 9.47 -22.10 -11.57
C HIS A 85 8.22 -21.26 -11.80
N LEU A 86 7.65 -21.40 -12.98
CA LEU A 86 6.43 -20.70 -13.33
C LEU A 86 5.22 -21.56 -12.98
N VAL A 87 4.13 -20.89 -12.56
CA VAL A 87 2.95 -21.62 -12.15
C VAL A 87 2.38 -22.40 -13.33
N ALA A 88 1.99 -23.65 -13.07
CA ALA A 88 1.68 -24.57 -14.15
C ALA A 88 0.42 -24.17 -14.89
N ASP A 89 -0.62 -23.75 -14.18
CA ASP A 89 -1.85 -23.35 -14.84
C ASP A 89 -1.82 -21.90 -15.33
N GLY A 90 -0.80 -21.14 -14.96
CA GLY A 90 -0.66 -19.77 -15.42
C GLY A 90 -1.56 -18.76 -14.74
N LYS A 91 -2.15 -19.11 -13.59
CA LYS A 91 -3.12 -18.26 -12.93
C LYS A 91 -2.58 -17.77 -11.59
N PHE A 92 -3.16 -16.67 -11.11
CA PHE A 92 -2.77 -16.13 -9.80
C PHE A 92 -3.35 -16.98 -8.67
N GLY A 93 -4.66 -17.17 -8.67
CA GLY A 93 -5.26 -18.07 -7.70
C GLY A 93 -6.58 -17.62 -7.13
N THR A 94 -7.64 -18.40 -7.39
CA THR A 94 -8.92 -18.25 -6.73
C THR A 94 -9.33 -19.58 -6.13
N GLN A 95 -10.28 -19.53 -5.21
CA GLN A 95 -10.79 -20.71 -4.54
C GLN A 95 -12.06 -21.17 -5.25
N GLU A 96 -12.10 -22.45 -5.61
CA GLU A 96 -13.21 -23.00 -6.38
C GLU A 96 -13.74 -24.26 -5.71
N ARG A 97 -15.04 -24.48 -5.89
CA ARG A 97 -15.67 -25.71 -5.42
C ARG A 97 -15.22 -26.89 -6.28
N VAL A 98 -14.88 -27.99 -5.63
CA VAL A 98 -14.53 -29.23 -6.34
C VAL A 98 -15.82 -29.98 -6.63
N ASN A 99 -15.93 -30.48 -7.86
CA ASN A 99 -17.10 -31.21 -8.35
C ASN A 99 -17.72 -32.17 -7.32
N ASN A 102 -17.66 -31.24 -3.20
CA ASN A 102 -18.20 -30.84 -1.90
C ASN A 102 -17.21 -29.97 -1.15
N LYS A 103 -15.93 -30.16 -1.44
CA LYS A 103 -14.86 -29.40 -0.81
C LYS A 103 -14.49 -28.19 -1.67
N LYS A 104 -13.44 -27.48 -1.27
CA LYS A 104 -12.93 -26.33 -2.00
C LYS A 104 -11.42 -26.45 -2.13
N GLU A 105 -10.89 -25.88 -3.22
CA GLU A 105 -9.45 -25.89 -3.43
C GLU A 105 -9.05 -24.63 -4.20
N TRP A 106 -7.80 -24.22 -4.01
CA TRP A 106 -7.26 -23.08 -4.71
C TRP A 106 -6.52 -23.53 -5.97
N ASN A 107 -6.62 -22.74 -7.02
CA ASN A 107 -5.85 -22.94 -8.24
C ASN A 107 -4.70 -21.94 -8.26
N GLY A 108 -3.96 -21.92 -9.36
CA GLY A 108 -2.92 -20.93 -9.55
C GLY A 108 -1.79 -21.04 -8.53
N MET A 109 -1.09 -19.91 -8.36
CA MET A 109 0.02 -19.87 -7.42
C MET A 109 -0.45 -20.12 -5.99
N MET A 110 -1.67 -19.68 -5.66
CA MET A 110 -2.25 -20.00 -4.36
C MET A 110 -2.33 -21.51 -4.14
N GLY A 111 -2.77 -22.24 -5.17
CA GLY A 111 -2.88 -23.68 -5.01
C GLY A 111 -1.54 -24.36 -4.86
N GLU A 112 -0.53 -23.90 -5.61
CA GLU A 112 0.79 -24.51 -5.50
C GLU A 112 1.46 -24.20 -4.17
N LEU A 113 1.19 -23.02 -3.60
CA LEU A 113 1.72 -22.71 -2.28
C LEU A 113 1.10 -23.61 -1.21
N LEU A 114 -0.22 -23.78 -1.26
CA LEU A 114 -0.90 -24.58 -0.25
C LEU A 114 -0.63 -26.06 -0.43
N SER A 115 -0.31 -26.51 -1.64
CA SER A 115 -0.07 -27.92 -1.89
C SER A 115 1.37 -28.34 -1.61
N GLY A 116 2.27 -27.39 -1.42
CA GLY A 116 3.68 -27.70 -1.22
C GLY A 116 4.51 -27.65 -2.48
N GLN A 117 3.89 -27.52 -3.65
CA GLN A 117 4.65 -27.33 -4.89
C GLN A 117 5.46 -26.06 -4.87
N ALA A 118 5.20 -25.15 -3.94
CA ALA A 118 5.98 -23.94 -3.77
C ALA A 118 6.02 -23.58 -2.29
N ASP A 119 7.12 -22.95 -1.88
CA ASP A 119 7.30 -22.52 -0.50
C ASP A 119 7.11 -21.02 -0.33
N MET A 120 7.02 -20.27 -1.42
CA MET A 120 6.92 -18.81 -1.37
C MET A 120 6.48 -18.29 -2.73
N ILE A 121 5.50 -17.41 -2.75
CA ILE A 121 5.02 -16.77 -3.97
C ILE A 121 5.70 -15.41 -4.07
N VAL A 122 6.49 -15.21 -5.13
CA VAL A 122 7.12 -13.93 -5.41
C VAL A 122 6.58 -13.47 -6.76
N ALA A 123 5.56 -12.63 -6.73
CA ALA A 123 4.84 -12.21 -7.92
C ALA A 123 4.01 -10.98 -7.57
N PRO A 124 3.46 -10.28 -8.57
CA PRO A 124 2.51 -9.20 -8.25
C PRO A 124 1.20 -9.76 -7.71
N LEU A 125 1.24 -10.30 -6.49
CA LEU A 125 0.14 -11.05 -5.91
C LEU A 125 -0.67 -10.14 -4.99
N THR A 126 -1.94 -9.94 -5.32
CA THR A 126 -2.77 -9.00 -4.58
C THR A 126 -3.13 -9.54 -3.20
N ILE A 127 -3.02 -8.69 -2.19
CA ILE A 127 -3.40 -9.04 -0.83
C ILE A 127 -4.90 -8.79 -0.68
N ASN A 128 -5.65 -9.83 -0.33
CA ASN A 128 -7.07 -9.69 -0.05
C ASN A 128 -7.48 -10.60 1.09
N ASN A 129 -8.72 -10.44 1.56
CA ASN A 129 -9.22 -11.24 2.67
C ASN A 129 -9.32 -12.71 2.30
N GLU A 130 -9.81 -13.01 1.09
CA GLU A 130 -10.08 -14.39 0.72
C GLU A 130 -8.82 -15.24 0.75
N ARG A 131 -7.71 -14.71 0.25
CA ARG A 131 -6.45 -15.45 0.26
C ARG A 131 -5.82 -15.46 1.65
N ALA A 132 -5.90 -14.34 2.38
CA ALA A 132 -5.28 -14.24 3.68
C ALA A 132 -5.86 -15.21 4.70
N GLN A 133 -7.06 -15.75 4.43
CA GLN A 133 -7.62 -16.74 5.33
CA GLN A 133 -7.64 -16.76 5.32
C GLN A 133 -6.79 -18.02 5.35
N TYR A 134 -6.06 -18.29 4.27
CA TYR A 134 -5.34 -19.55 4.14
C TYR A 134 -3.82 -19.41 4.06
N ILE A 135 -3.29 -18.23 3.72
CA ILE A 135 -1.86 -18.04 3.61
C ILE A 135 -1.45 -16.78 4.37
N GLU A 136 -0.15 -16.59 4.49
CA GLU A 136 0.43 -15.41 5.11
C GLU A 136 0.93 -14.47 4.01
N PHE A 137 0.50 -13.22 4.07
CA PHE A 137 1.01 -12.18 3.20
C PHE A 137 2.03 -11.34 3.97
N SER A 138 3.08 -10.92 3.28
CA SER A 138 3.97 -9.94 3.85
C SER A 138 3.31 -8.57 3.85
N LYS A 139 3.97 -7.61 4.48
CA LYS A 139 3.61 -6.22 4.26
C LYS A 139 3.78 -5.90 2.77
N PRO A 140 2.99 -4.97 2.24
CA PRO A 140 3.02 -4.72 0.79
C PRO A 140 4.38 -4.22 0.34
N PHE A 141 4.93 -4.86 -0.70
CA PHE A 141 6.11 -4.33 -1.36
C PHE A 141 5.77 -3.40 -2.51
N LYS A 142 4.49 -3.27 -2.85
CA LYS A 142 4.06 -2.36 -3.91
C LYS A 142 2.61 -1.97 -3.63
N TYR A 143 2.36 -0.66 -3.50
CA TYR A 143 1.02 -0.14 -3.36
C TYR A 143 0.51 0.32 -4.72
N GLN A 144 -0.72 -0.06 -5.04
CA GLN A 144 -1.29 0.29 -6.35
C GLN A 144 -2.81 0.14 -6.26
N GLY A 145 -3.44 -0.20 -7.37
CA GLY A 145 -4.86 -0.38 -7.38
C GLY A 145 -5.37 -0.89 -8.70
N LEU A 146 -6.69 -0.82 -8.87
CA LEU A 146 -7.36 -1.28 -10.08
C LEU A 146 -7.76 -0.09 -10.94
N THR A 147 -7.53 -0.22 -12.25
CA THR A 147 -7.95 0.79 -13.21
C THR A 147 -8.43 0.06 -14.47
N ILE A 148 -8.75 0.83 -15.50
CA ILE A 148 -9.32 0.32 -16.73
C ILE A 148 -8.43 0.71 -17.90
N LEU A 149 -8.15 -0.25 -18.77
CA LEU A 149 -7.39 -0.01 -19.99
C LEU A 149 -8.32 -0.08 -21.20
N VAL A 150 -8.18 0.89 -22.11
CA VAL A 150 -8.98 0.96 -23.33
C VAL A 150 -8.10 1.38 -24.49
N LYS A 151 -8.57 1.11 -25.69
CA LYS A 151 -7.93 1.63 -26.89
C LYS A 151 -8.10 3.14 -26.94
N LYS A 152 -7.04 3.84 -27.34
CA LYS A 152 -7.08 5.29 -27.39
C LYS A 152 -8.17 5.76 -28.33
N GLY A 153 -9.13 6.52 -27.79
CA GLY A 153 -10.33 6.90 -28.51
C GLY A 153 -11.61 6.36 -27.90
N THR A 154 -11.53 5.28 -27.14
CA THR A 154 -12.69 4.79 -26.40
C THR A 154 -12.94 5.70 -25.21
N ARG A 155 -14.21 6.07 -25.02
CA ARG A 155 -14.59 7.07 -24.03
C ARG A 155 -15.47 6.45 -22.95
N ILE A 156 -14.89 6.24 -21.76
CA ILE A 156 -15.64 5.81 -20.58
CA ILE A 156 -15.64 5.81 -20.58
C ILE A 156 -15.14 6.61 -19.39
N THR A 157 -16.07 6.93 -18.48
CA THR A 157 -15.69 7.73 -17.31
C THR A 157 -14.88 6.90 -16.32
N GLY A 158 -15.18 5.61 -16.22
CA GLY A 158 -14.49 4.74 -15.28
C GLY A 158 -15.36 3.53 -14.96
N ILE A 159 -15.28 3.08 -13.71
CA ILE A 159 -16.01 1.89 -13.28
C ILE A 159 -17.51 2.15 -13.15
N ASN A 160 -17.94 3.40 -13.12
CA ASN A 160 -19.36 3.75 -13.02
C ASN A 160 -19.98 4.10 -14.37
N ASP A 161 -19.25 3.91 -15.46
CA ASP A 161 -19.78 4.24 -16.78
C ASP A 161 -21.00 3.38 -17.08
N PRO A 162 -22.04 3.96 -17.70
CA PRO A 162 -23.23 3.14 -18.01
C PRO A 162 -22.94 1.98 -18.95
N ARG A 163 -21.96 2.11 -19.84
CA ARG A 163 -21.59 0.99 -20.69
C ARG A 163 -20.93 -0.15 -19.92
N LEU A 164 -20.57 0.08 -18.66
CA LEU A 164 -20.06 -0.96 -17.78
C LEU A 164 -21.07 -1.41 -16.72
N ARG A 165 -21.87 -0.47 -16.19
CA ARG A 165 -22.86 -0.80 -15.18
C ARG A 165 -24.14 -1.39 -15.76
N ASN A 166 -24.43 -1.12 -17.04
CA ASN A 166 -25.55 -1.74 -17.76
C ASN A 166 -24.98 -2.42 -19.00
N PRO A 167 -24.29 -3.54 -18.83
CA PRO A 167 -23.53 -4.12 -19.94
C PRO A 167 -24.43 -4.74 -21.00
N SER A 168 -23.82 -5.04 -22.14
CA SER A 168 -24.50 -5.66 -23.26
C SER A 168 -23.44 -6.32 -24.13
N ASP A 169 -23.89 -6.95 -25.22
CA ASP A 169 -22.97 -7.56 -26.18
C ASP A 169 -22.30 -6.54 -27.09
N LYS A 170 -22.61 -5.26 -26.93
CA LYS A 170 -22.04 -4.21 -27.79
C LYS A 170 -20.71 -3.70 -27.25
N PHE A 171 -20.57 -3.57 -25.93
CA PHE A 171 -19.33 -3.11 -25.31
C PHE A 171 -18.83 -4.21 -24.39
N ILE A 172 -17.75 -4.87 -24.79
CA ILE A 172 -17.22 -6.03 -24.08
C ILE A 172 -16.08 -5.57 -23.17
N TYR A 173 -16.22 -5.84 -21.88
CA TYR A 173 -15.16 -5.63 -20.91
C TYR A 173 -14.97 -6.91 -20.10
N ALA A 174 -13.77 -7.08 -19.55
CA ALA A 174 -13.42 -8.31 -18.84
C ALA A 174 -12.13 -8.10 -18.07
N THR A 175 -11.77 -9.12 -17.29
CA THR A 175 -10.49 -9.17 -16.58
C THR A 175 -9.85 -10.54 -16.79
N VAL A 176 -8.85 -10.88 -16.00
CA VAL A 176 -8.16 -12.16 -16.13
C VAL A 176 -8.86 -13.21 -15.29
N LYS A 177 -9.04 -14.40 -15.88
CA LYS A 177 -9.64 -15.51 -15.15
C LYS A 177 -8.81 -15.86 -13.93
N GLN A 178 -9.51 -16.29 -12.87
CA GLN A 178 -8.89 -16.85 -11.67
C GLN A 178 -7.85 -15.90 -11.08
N SER A 179 -8.24 -14.64 -10.92
CA SER A 179 -7.38 -13.58 -10.42
C SER A 179 -8.09 -12.83 -9.30
N SER A 180 -7.37 -11.86 -8.73
CA SER A 180 -7.93 -11.07 -7.62
C SER A 180 -9.07 -10.19 -8.09
N VAL A 181 -8.99 -9.68 -9.32
CA VAL A 181 -10.10 -8.89 -9.86
C VAL A 181 -11.34 -9.76 -10.00
N ASP A 182 -11.16 -11.01 -10.43
CA ASP A 182 -12.25 -11.97 -10.48
C ASP A 182 -12.90 -12.12 -9.11
N ILE A 183 -12.08 -12.18 -8.06
CA ILE A 183 -12.60 -12.25 -6.69
C ILE A 183 -13.34 -10.96 -6.33
N TYR A 184 -12.75 -9.81 -6.68
CA TYR A 184 -13.33 -8.53 -6.30
C TYR A 184 -14.75 -8.36 -6.83
N PHE A 185 -14.99 -8.78 -8.07
CA PHE A 185 -16.33 -8.68 -8.65
C PHE A 185 -17.23 -9.85 -8.26
N ARG A 186 -16.66 -10.94 -7.75
CA ARG A 186 -17.46 -12.08 -7.31
C ARG A 186 -18.08 -11.84 -5.93
N ARG A 187 -17.29 -11.32 -4.99
CA ARG A 187 -17.73 -11.25 -3.60
C ARG A 187 -18.85 -10.24 -3.39
N GLN A 188 -18.84 -9.13 -4.12
CA GLN A 188 -19.83 -8.09 -3.92
C GLN A 188 -21.08 -8.43 -4.73
N VAL A 189 -22.18 -8.68 -4.02
CA VAL A 189 -23.45 -9.00 -4.67
C VAL A 189 -23.94 -7.82 -5.50
N GLU A 190 -23.58 -6.60 -5.11
CA GLU A 190 -23.94 -5.41 -5.87
C GLU A 190 -23.18 -5.28 -7.17
N LEU A 191 -22.21 -6.15 -7.43
CA LEU A 191 -21.45 -6.16 -8.68
C LEU A 191 -21.81 -7.36 -9.55
N SER A 192 -22.86 -8.12 -9.19
CA SER A 192 -23.17 -9.36 -9.89
C SER A 192 -23.54 -9.11 -11.35
N THR A 193 -24.15 -7.96 -11.64
CA THR A 193 -24.48 -7.64 -13.03
C THR A 193 -23.22 -7.48 -13.87
N MET A 194 -22.23 -6.75 -13.36
CA MET A 194 -20.97 -6.61 -14.07
C MET A 194 -20.25 -7.95 -14.20
N TYR A 195 -20.23 -8.73 -13.10
CA TYR A 195 -19.51 -10.00 -13.13
C TYR A 195 -20.14 -10.97 -14.13
N ARG A 196 -21.47 -10.98 -14.21
CA ARG A 196 -22.14 -11.88 -15.15
C ARG A 196 -21.74 -11.59 -16.59
N HIS A 197 -21.47 -10.32 -16.91
CA HIS A 197 -20.96 -9.98 -18.23
C HIS A 197 -19.50 -10.43 -18.38
N MET A 198 -18.68 -10.20 -17.35
CA MET A 198 -17.25 -10.45 -17.46
C MET A 198 -16.95 -11.94 -17.58
N GLU A 199 -17.63 -12.78 -16.80
CA GLU A 199 -17.37 -14.22 -16.84
C GLU A 199 -17.61 -14.80 -18.23
N LYS A 200 -18.37 -14.12 -19.07
CA LYS A 200 -18.53 -14.52 -20.46
C LYS A 200 -17.35 -14.13 -21.33
N HIS A 201 -16.42 -13.31 -20.81
CA HIS A 201 -15.36 -12.76 -21.64
C HIS A 201 -13.98 -12.71 -20.99
N ASN A 202 -13.84 -13.17 -19.74
CA ASN A 202 -12.55 -13.11 -19.07
C ASN A 202 -11.50 -13.91 -19.84
N TYR A 203 -10.26 -13.44 -19.80
CA TYR A 203 -9.17 -14.01 -20.57
C TYR A 203 -8.25 -14.84 -19.68
N GLU A 204 -7.45 -15.69 -20.34
CA GLU A 204 -6.58 -16.61 -19.61
C GLU A 204 -5.42 -15.87 -18.95
N SER A 205 -4.90 -14.83 -19.60
CA SER A 205 -3.77 -14.10 -19.05
C SER A 205 -3.91 -12.62 -19.38
N ALA A 206 -3.18 -11.79 -18.63
CA ALA A 206 -3.24 -10.35 -18.85
C ALA A 206 -2.72 -9.97 -20.22
N ALA A 207 -1.67 -10.65 -20.70
CA ALA A 207 -1.08 -10.31 -21.99
C ALA A 207 -2.07 -10.52 -23.13
N GLU A 208 -2.81 -11.64 -23.09
CA GLU A 208 -3.81 -11.88 -24.14
C GLU A 208 -4.93 -10.84 -24.07
N ALA A 209 -5.31 -10.44 -22.86
CA ALA A 209 -6.33 -9.40 -22.71
C ALA A 209 -5.84 -8.08 -23.28
N ILE A 210 -4.60 -7.69 -22.95
CA ILE A 210 -4.04 -6.44 -23.46
C ILE A 210 -3.95 -6.49 -24.99
N GLN A 211 -3.52 -7.63 -25.53
CA GLN A 211 -3.48 -7.78 -26.99
C GLN A 211 -4.86 -7.65 -27.60
N ALA A 212 -5.88 -8.18 -26.93
CA ALA A 212 -7.25 -8.11 -27.45
C ALA A 212 -7.75 -6.67 -27.53
N VAL A 213 -7.31 -5.81 -26.61
CA VAL A 213 -7.72 -4.41 -26.66
C VAL A 213 -7.14 -3.74 -27.89
N ARG A 214 -5.85 -3.99 -28.19
CA ARG A 214 -5.24 -3.42 -29.38
C ARG A 214 -5.91 -3.96 -30.65
N ASP A 215 -6.35 -5.21 -30.62
CA ASP A 215 -7.04 -5.82 -31.76
C ASP A 215 -8.51 -5.42 -31.83
N ASN A 216 -9.00 -4.60 -30.90
CA ASN A 216 -10.40 -4.19 -30.83
C ASN A 216 -11.34 -5.39 -30.69
N LYS A 217 -10.83 -6.50 -30.16
CA LYS A 217 -11.67 -7.62 -29.77
C LYS A 217 -12.16 -7.49 -28.33
N LEU A 218 -11.44 -6.74 -27.50
CA LEU A 218 -11.87 -6.39 -26.15
C LEU A 218 -11.87 -4.87 -26.04
N HIS A 219 -12.92 -4.32 -25.42
CA HIS A 219 -13.09 -2.88 -25.38
C HIS A 219 -12.64 -2.24 -24.08
N ALA A 220 -12.53 -3.01 -23.00
CA ALA A 220 -12.05 -2.48 -21.74
C ALA A 220 -11.47 -3.62 -20.91
N PHE A 221 -10.29 -3.39 -20.33
CA PHE A 221 -9.59 -4.40 -19.54
C PHE A 221 -9.37 -3.86 -18.13
N ILE A 222 -9.98 -4.51 -17.15
CA ILE A 222 -9.89 -4.12 -15.75
C ILE A 222 -8.78 -4.94 -15.11
N TRP A 223 -7.75 -4.26 -14.59
CA TRP A 223 -6.57 -4.96 -14.12
C TRP A 223 -5.78 -4.03 -13.20
N ASP A 224 -4.67 -4.56 -12.66
CA ASP A 224 -3.83 -3.80 -11.75
C ASP A 224 -3.23 -2.58 -12.45
N SER A 225 -3.23 -1.44 -11.74
CA SER A 225 -2.75 -0.21 -12.34
C SER A 225 -1.25 -0.20 -12.51
N ALA A 226 -0.51 -0.91 -11.66
CA ALA A 226 0.94 -1.00 -11.83
C ALA A 226 1.29 -1.67 -13.15
N VAL A 227 0.41 -2.53 -13.66
CA VAL A 227 0.63 -3.19 -14.94
C VAL A 227 0.02 -2.39 -16.09
N LEU A 228 -1.20 -1.88 -15.91
CA LEU A 228 -1.89 -1.21 -16.99
C LEU A 228 -1.20 0.10 -17.37
N GLU A 229 -0.77 0.88 -16.37
CA GLU A 229 -0.08 2.13 -16.67
C GLU A 229 1.26 1.88 -17.36
N PHE A 230 1.95 0.80 -16.98
CA PHE A 230 3.18 0.42 -17.68
C PHE A 230 2.89 0.12 -19.15
N GLU A 231 1.88 -0.70 -19.41
CA GLU A 231 1.53 -1.05 -20.78
C GLU A 231 1.13 0.18 -21.59
N ALA A 232 0.47 1.14 -20.94
CA ALA A 232 0.08 2.36 -21.64
C ALA A 232 1.29 3.22 -21.97
N SER A 233 2.31 3.22 -21.12
CA SER A 233 3.50 4.02 -21.39
CA SER A 233 3.50 4.02 -21.39
CA SER A 233 3.50 4.02 -21.39
C SER A 233 4.31 3.44 -22.55
N GLN A 234 4.24 2.14 -22.76
CA GLN A 234 4.98 1.50 -23.84
C GLN A 234 4.19 1.46 -25.14
N LYS A 235 2.88 1.21 -25.07
CA LYS A 235 2.01 1.12 -26.24
C LYS A 235 1.11 2.35 -26.24
N CYS A 236 1.43 3.31 -27.11
CA CYS A 236 0.75 4.60 -27.12
C CYS A 236 -0.65 4.53 -27.70
N ASP A 237 -1.03 3.42 -28.35
CA ASP A 237 -2.41 3.24 -28.79
C ASP A 237 -3.33 2.82 -27.66
N LEU A 238 -2.79 2.61 -26.46
CA LEU A 238 -3.58 2.20 -25.30
C LEU A 238 -3.49 3.28 -24.22
N VAL A 239 -4.60 3.49 -23.51
CA VAL A 239 -4.67 4.47 -22.44
C VAL A 239 -5.48 3.88 -21.28
N THR A 240 -5.24 4.42 -20.10
CA THR A 240 -6.05 4.13 -18.92
C THR A 240 -7.04 5.26 -18.69
N THR A 241 -8.10 4.96 -17.92
CA THR A 241 -9.15 5.94 -17.69
C THR A 241 -9.87 5.59 -16.39
N GLY A 242 -10.48 6.61 -15.79
CA GLY A 242 -11.16 6.46 -14.51
C GLY A 242 -10.25 6.41 -13.32
N GLU A 243 -8.97 6.06 -13.51
CA GLU A 243 -7.97 5.97 -12.45
C GLU A 243 -8.38 4.95 -11.38
N LEU A 244 -7.78 5.05 -10.21
CA LEU A 244 -7.92 4.02 -9.18
C LEU A 244 -9.32 4.09 -8.57
N PHE A 245 -10.17 3.11 -8.89
CA PHE A 245 -11.43 2.94 -8.18
C PHE A 245 -11.31 1.98 -7.01
N PHE A 246 -10.17 1.31 -6.87
CA PHE A 246 -9.91 0.41 -5.76
C PHE A 246 -8.41 0.43 -5.49
N ARG A 247 -8.02 0.33 -4.23
CA ARG A 247 -6.63 0.41 -3.81
C ARG A 247 -6.20 -0.89 -3.17
N SER A 248 -5.10 -1.47 -3.65
CA SER A 248 -4.63 -2.76 -3.16
C SER A 248 -3.11 -2.79 -3.24
N GLY A 249 -2.53 -3.80 -2.63
CA GLY A 249 -1.09 -3.94 -2.57
C GLY A 249 -0.64 -5.36 -2.88
N PHE A 250 0.58 -5.47 -3.39
CA PHE A 250 1.19 -6.76 -3.67
C PHE A 250 2.03 -7.20 -2.48
N GLY A 251 1.93 -8.47 -2.13
CA GLY A 251 2.69 -9.00 -1.01
C GLY A 251 3.26 -10.37 -1.32
N ILE A 252 4.32 -10.71 -0.60
CA ILE A 252 4.91 -12.04 -0.70
C ILE A 252 3.97 -13.06 -0.08
N GLY A 253 3.82 -14.20 -0.74
CA GLY A 253 2.92 -15.25 -0.29
C GLY A 253 3.68 -16.38 0.38
N MET A 254 3.26 -16.71 1.60
CA MET A 254 3.88 -17.78 2.37
C MET A 254 2.78 -18.56 3.09
N ARG A 255 3.11 -19.80 3.45
CA ARG A 255 2.23 -20.56 4.31
C ARG A 255 2.38 -20.10 5.76
N LYS A 256 1.32 -20.26 6.54
CA LYS A 256 1.29 -19.71 7.90
C LYS A 256 2.39 -20.31 8.78
N ASP A 257 2.93 -21.46 8.41
CA ASP A 257 3.99 -22.09 9.20
C ASP A 257 5.38 -21.65 8.79
N SER A 258 5.51 -20.73 7.84
CA SER A 258 6.82 -20.36 7.32
C SER A 258 7.66 -19.70 8.40
N PRO A 259 8.93 -20.09 8.55
CA PRO A 259 9.81 -19.41 9.51
C PRO A 259 10.38 -18.10 9.00
N TRP A 260 10.19 -17.78 7.71
CA TRP A 260 10.70 -16.56 7.10
C TRP A 260 9.71 -15.40 7.19
N LYS A 261 8.50 -15.64 7.71
CA LYS A 261 7.44 -14.64 7.70
C LYS A 261 7.92 -13.29 8.22
N GLN A 262 8.45 -13.28 9.45
CA GLN A 262 8.79 -12.02 10.10
C GLN A 262 9.88 -11.28 9.35
N ASN A 263 10.96 -11.98 8.98
CA ASN A 263 12.10 -11.30 8.37
C ASN A 263 11.80 -10.83 6.95
N VAL A 264 10.89 -11.51 6.24
CA VAL A 264 10.51 -11.04 4.92
C VAL A 264 9.83 -9.68 5.01
N SER A 265 8.92 -9.53 5.97
CA SER A 265 8.21 -8.26 6.11
C SER A 265 9.14 -7.16 6.62
N LEU A 266 9.99 -7.47 7.60
CA LEU A 266 10.98 -6.50 8.05
C LEU A 266 11.88 -6.06 6.91
N SER A 267 12.31 -6.99 6.07
CA SER A 267 13.15 -6.65 4.93
C SER A 267 12.40 -5.76 3.95
N ILE A 268 11.13 -6.04 3.70
CA ILE A 268 10.34 -5.23 2.77
C ILE A 268 10.15 -3.83 3.32
N LEU A 269 9.87 -3.71 4.62
CA LEU A 269 9.74 -2.40 5.24
C LEU A 269 11.03 -1.60 5.12
N LYS A 270 12.16 -2.23 5.45
CA LYS A 270 13.44 -1.55 5.34
C LYS A 270 13.73 -1.14 3.90
N SER A 271 13.38 -1.98 2.93
CA SER A 271 13.66 -1.66 1.54
C SER A 271 12.84 -0.48 1.05
N HIS A 272 11.62 -0.31 1.57
CA HIS A 272 10.88 0.92 1.34
C HIS A 272 11.61 2.11 1.94
N GLU A 273 12.10 1.96 3.17
CA GLU A 273 12.62 3.10 3.92
C GLU A 273 13.98 3.56 3.41
N ASN A 274 14.81 2.66 2.88
CA ASN A 274 16.14 3.04 2.43
C ASN A 274 16.20 3.34 0.94
N GLY A 275 15.05 3.40 0.27
CA GLY A 275 15.03 3.74 -1.14
C GLY A 275 15.31 2.60 -2.09
N PHE A 276 15.41 1.36 -1.60
CA PHE A 276 15.62 0.22 -2.49
C PHE A 276 14.42 0.01 -3.39
N MET A 277 13.21 0.06 -2.83
CA MET A 277 12.01 -0.08 -3.62
C MET A 277 11.86 1.06 -4.62
N GLU A 278 12.36 2.26 -4.27
CA GLU A 278 12.36 3.37 -5.22
C GLU A 278 13.20 3.03 -6.45
N ASP A 279 14.35 2.39 -6.24
CA ASP A 279 15.19 1.98 -7.36
C ASP A 279 14.45 1.01 -8.27
N LEU A 280 13.82 -0.01 -7.69
CA LEU A 280 13.07 -0.98 -8.48
C LEU A 280 11.90 -0.31 -9.18
N ASP A 281 11.17 0.56 -8.48
CA ASP A 281 10.02 1.23 -9.07
C ASP A 281 10.45 2.10 -10.25
N LYS A 282 11.57 2.81 -10.12
CA LYS A 282 12.06 3.64 -11.21
C LYS A 282 12.58 2.79 -12.37
N THR A 283 13.27 1.69 -12.07
CA THR A 283 13.88 0.87 -13.12
C THR A 283 12.82 0.14 -13.93
N TRP A 284 11.85 -0.48 -13.26
CA TRP A 284 10.89 -1.36 -13.92
C TRP A 284 9.52 -0.73 -14.13
N VAL A 285 8.98 -0.05 -13.13
CA VAL A 285 7.58 0.32 -13.14
C VAL A 285 7.35 1.65 -13.85
N ARG A 286 8.22 2.63 -13.63
CA ARG A 286 7.97 3.99 -14.08
C ARG A 286 8.56 4.23 -15.46
N TYR A 287 7.75 4.80 -16.35
CA TYR A 287 8.17 5.15 -17.70
C TYR A 287 7.44 6.42 -18.12
N GLN A 288 7.98 7.09 -19.13
CA GLN A 288 7.43 8.36 -19.59
C GLN A 288 6.14 8.16 -20.36
N GLU A 289 5.20 9.09 -20.18
CA GLU A 289 3.93 9.03 -20.89
C GLU A 289 4.13 9.43 -22.34
N CYS A 290 3.26 8.91 -23.20
CA CYS A 290 3.33 9.17 -24.64
C CYS A 290 3.04 10.64 -24.97
N ASP B 1 -11.29 -10.24 32.37
CA ASP B 1 -11.55 -11.37 31.49
C ASP B 1 -10.70 -11.29 30.22
N ASP B 2 -10.68 -12.38 29.46
CA ASP B 2 -9.82 -12.48 28.28
C ASP B 2 -10.36 -11.73 27.07
N ASN B 3 -11.61 -11.26 27.10
CA ASN B 3 -12.24 -10.64 25.95
C ASN B 3 -12.39 -9.12 26.09
N HIS B 4 -11.94 -8.54 27.21
CA HIS B 4 -11.98 -7.10 27.44
C HIS B 4 -10.58 -6.55 27.26
N LEU B 5 -10.39 -5.71 26.24
CA LEU B 5 -9.07 -5.29 25.80
C LEU B 5 -8.79 -3.85 26.18
N SER B 6 -7.58 -3.60 26.68
CA SER B 6 -7.10 -2.23 26.91
C SER B 6 -6.53 -1.69 25.60
N ILE B 7 -7.08 -0.57 25.13
CA ILE B 7 -6.71 -0.01 23.84
C ILE B 7 -6.31 1.45 24.03
N VAL B 8 -5.13 1.80 23.54
CA VAL B 8 -4.60 3.15 23.65
C VAL B 8 -4.78 3.86 22.31
N THR B 9 -4.98 5.17 22.36
CA THR B 9 -5.11 5.99 21.16
C THR B 9 -4.48 7.34 21.42
N LEU B 10 -4.48 8.19 20.39
CA LEU B 10 -3.82 9.49 20.44
C LEU B 10 -4.68 10.52 19.74
N GLU B 11 -4.94 11.65 20.41
CA GLU B 11 -5.73 12.71 19.81
C GLU B 11 -4.97 13.29 18.61
N GLU B 12 -5.63 13.29 17.46
CA GLU B 12 -5.00 13.71 16.22
C GLU B 12 -6.06 13.89 15.15
N ARG B 13 -6.72 15.04 15.15
CA ARG B 13 -7.79 15.29 14.19
C ARG B 13 -7.27 15.14 12.77
N PRO B 14 -8.05 14.50 11.87
CA PRO B 14 -9.40 13.98 12.11
C PRO B 14 -9.44 12.50 12.44
N PHE B 15 -8.26 11.87 12.60
CA PHE B 15 -8.23 10.44 12.87
C PHE B 15 -8.82 10.13 14.24
N VAL B 16 -8.46 10.92 15.25
CA VAL B 16 -9.04 10.82 16.59
C VAL B 16 -9.36 12.23 17.06
N ILE B 17 -10.63 12.46 17.42
CA ILE B 17 -11.10 13.75 17.91
C ILE B 17 -11.62 13.55 19.31
N VAL B 18 -11.16 14.39 20.24
CA VAL B 18 -11.53 14.29 21.65
C VAL B 18 -12.47 15.44 22.01
N GLU B 19 -13.53 15.11 22.73
CA GLU B 19 -14.50 16.08 23.23
C GLU B 19 -14.76 15.81 24.70
N ASP B 20 -15.41 16.77 25.35
CA ASP B 20 -15.83 16.60 26.74
C ASP B 20 -17.19 15.93 26.80
N ILE B 21 -17.44 15.21 27.91
CA ILE B 21 -18.75 14.65 28.14
C ILE B 21 -19.76 15.78 28.24
N ASP B 22 -20.93 15.58 27.63
CA ASP B 22 -21.98 16.60 27.63
C ASP B 22 -22.44 16.92 29.05
N LEU B 24 -27.49 17.13 30.98
CA LEU B 24 -26.24 16.99 30.24
C LEU B 24 -25.70 15.56 30.31
N THR B 25 -26.14 14.84 31.35
CA THR B 25 -25.74 13.46 31.61
C THR B 25 -24.24 13.35 31.83
N GLU B 26 -23.76 12.13 32.08
CA GLU B 26 -22.34 11.85 32.24
C GLU B 26 -21.89 10.79 31.25
N THR B 27 -22.46 10.82 30.05
CA THR B 27 -22.23 9.79 29.04
C THR B 27 -21.80 10.43 27.73
N CYS B 28 -21.26 9.59 26.84
CA CYS B 28 -20.90 10.00 25.50
C CYS B 28 -22.03 9.63 24.54
N VAL B 29 -22.44 10.59 23.71
CA VAL B 29 -23.56 10.38 22.79
C VAL B 29 -23.08 10.54 21.36
N ARG B 30 -24.02 10.67 20.43
CA ARG B 30 -23.75 10.86 19.00
C ARG B 30 -22.90 9.69 18.51
N ASN B 31 -21.85 9.93 17.73
CA ASN B 31 -21.00 8.89 17.19
C ASN B 31 -19.70 8.74 17.97
N THR B 32 -19.68 9.14 19.23
CA THR B 32 -18.48 9.08 20.05
C THR B 32 -18.51 7.86 20.97
N VAL B 33 -17.34 7.53 21.51
CA VAL B 33 -17.19 6.41 22.42
C VAL B 33 -16.44 6.89 23.66
N PRO B 34 -16.63 6.22 24.80
CA PRO B 34 -15.90 6.62 26.01
C PRO B 34 -14.40 6.39 25.87
N CYS B 35 -13.64 7.42 26.24
CA CYS B 35 -12.18 7.31 26.29
C CYS B 35 -11.70 8.17 27.46
N ARG B 36 -10.76 7.65 28.24
CA ARG B 36 -10.25 8.35 29.40
C ARG B 36 -8.88 8.94 29.11
N LYS B 37 -8.55 9.99 29.86
CA LYS B 37 -7.26 10.67 29.73
C LYS B 37 -6.72 10.95 31.12
N PHE B 38 -5.45 10.62 31.33
CA PHE B 38 -4.75 10.92 32.57
C PHE B 38 -4.18 12.33 32.45
N VAL B 39 -4.90 13.31 32.99
CA VAL B 39 -4.56 14.71 32.81
C VAL B 39 -3.64 15.15 33.95
N LYS B 40 -2.48 15.67 33.59
CA LYS B 40 -1.46 16.04 34.57
C LYS B 40 -1.90 17.26 35.39
N ILE B 41 -1.38 17.35 36.61
CA ILE B 41 -1.70 18.49 37.48
C ILE B 41 -0.99 19.74 36.97
N ASN B 42 0.28 19.60 36.58
CA ASN B 42 1.05 20.67 35.95
C ASN B 42 2.12 20.02 35.07
N ASN B 43 3.01 20.85 34.55
CA ASN B 43 4.04 20.38 33.62
C ASN B 43 5.32 19.94 34.33
N SER B 44 5.37 20.00 35.65
CA SER B 44 6.56 19.65 36.42
C SER B 44 6.28 18.54 37.42
N THR B 45 5.44 17.59 37.03
CA THR B 45 5.06 16.53 37.97
C THR B 45 4.60 15.31 37.18
N ASN B 46 4.58 14.17 37.88
CA ASN B 46 3.94 12.96 37.39
C ASN B 46 2.52 12.79 37.90
N GLU B 47 2.10 13.62 38.86
CA GLU B 47 0.75 13.52 39.39
C GLU B 47 -0.27 13.87 38.30
N GLY B 48 -1.48 13.33 38.47
CA GLY B 48 -2.51 13.59 37.50
C GLY B 48 -3.83 12.99 37.95
N MET B 49 -4.82 13.10 37.06
CA MET B 49 -6.17 12.62 37.34
C MET B 49 -6.77 12.05 36.05
N ASN B 50 -7.41 10.89 36.17
CA ASN B 50 -8.15 10.34 35.05
C ASN B 50 -9.41 11.15 34.80
N VAL B 51 -9.65 11.49 33.55
CA VAL B 51 -10.81 12.30 33.15
C VAL B 51 -11.53 11.56 32.04
N LYS B 52 -12.86 11.45 32.16
CA LYS B 52 -13.67 10.77 31.16
C LYS B 52 -13.93 11.72 29.99
N LYS B 53 -13.52 11.30 28.80
CA LYS B 53 -13.68 12.06 27.57
C LYS B 53 -14.57 11.27 26.59
N CYS B 54 -14.75 11.85 25.41
CA CYS B 54 -15.47 11.19 24.32
C CYS B 54 -14.64 11.31 23.05
N CYS B 55 -14.37 10.18 22.41
CA CYS B 55 -13.52 10.12 21.24
C CYS B 55 -14.34 9.75 20.01
N LYS B 56 -13.97 10.35 18.87
CA LYS B 56 -14.63 10.06 17.60
C LYS B 56 -13.63 10.33 16.48
N GLY B 57 -13.93 9.78 15.31
CA GLY B 57 -13.08 10.01 14.16
C GLY B 57 -12.88 8.83 13.25
N PHE B 58 -12.02 9.01 12.23
CA PHE B 58 -11.79 7.97 11.24
C PHE B 58 -11.29 6.68 11.89
N CYS B 59 -10.32 6.80 12.80
CA CYS B 59 -9.79 5.60 13.46
C CYS B 59 -10.77 5.04 14.48
N ILE B 60 -11.60 5.90 15.08
CA ILE B 60 -12.59 5.42 16.05
C ILE B 60 -13.64 4.57 15.35
N ASP B 61 -14.11 5.02 14.18
CA ASP B 61 -15.07 4.22 13.42
C ASP B 61 -14.48 2.89 13.01
N ILE B 62 -13.17 2.87 12.69
CA ILE B 62 -12.50 1.60 12.43
C ILE B 62 -12.56 0.71 13.67
N LEU B 63 -12.30 1.29 14.85
CA LEU B 63 -12.35 0.52 16.08
C LEU B 63 -13.76 -0.02 16.35
N LYS B 64 -14.77 0.79 16.06
CA LYS B 64 -16.15 0.33 16.21
C LYS B 64 -16.45 -0.81 15.24
N LYS B 65 -15.95 -0.72 14.00
CA LYS B 65 -16.10 -1.81 13.05
C LYS B 65 -15.41 -3.07 13.54
N LEU B 66 -14.19 -2.92 14.07
CA LEU B 66 -13.43 -4.09 14.54
C LEU B 66 -14.06 -4.70 15.78
N SER B 67 -14.51 -3.88 16.73
CA SER B 67 -15.14 -4.41 17.93
C SER B 67 -16.39 -5.21 17.58
N ARG B 68 -17.16 -4.74 16.60
CA ARG B 68 -18.37 -5.45 16.19
C ARG B 68 -18.03 -6.74 15.45
N THR B 69 -17.05 -6.69 14.55
CA THR B 69 -16.75 -7.85 13.71
C THR B 69 -15.92 -8.89 14.46
N VAL B 70 -14.79 -8.47 15.06
CA VAL B 70 -13.95 -9.40 15.79
C VAL B 70 -14.61 -9.85 17.09
N LYS B 71 -15.64 -9.14 17.54
CA LYS B 71 -16.40 -9.48 18.75
C LYS B 71 -15.51 -9.38 19.99
N PHE B 72 -15.19 -8.14 20.33
CA PHE B 72 -14.47 -7.85 21.57
C PHE B 72 -14.97 -6.52 22.12
N THR B 73 -14.79 -6.36 23.43
CA THR B 73 -15.08 -5.11 24.14
C THR B 73 -13.76 -4.47 24.55
N TYR B 74 -13.82 -3.17 24.86
CA TYR B 74 -12.59 -2.44 25.08
C TYR B 74 -12.79 -1.31 26.08
N ASP B 75 -11.66 -0.86 26.64
CA ASP B 75 -11.56 0.36 27.44
C ASP B 75 -10.52 1.25 26.78
N LEU B 76 -10.97 2.33 26.17
CA LEU B 76 -10.11 3.21 25.38
C LEU B 76 -9.53 4.32 26.25
N TYR B 77 -8.24 4.60 26.05
CA TYR B 77 -7.58 5.65 26.81
C TYR B 77 -6.53 6.33 25.93
N LEU B 78 -6.30 7.60 26.21
CA LEU B 78 -5.39 8.44 25.43
C LEU B 78 -4.00 8.40 26.03
N VAL B 79 -2.98 8.19 25.18
CA VAL B 79 -1.61 8.17 25.66
C VAL B 79 -1.22 9.56 26.17
N THR B 80 -0.36 9.58 27.19
CA THR B 80 0.08 10.83 27.81
C THR B 80 1.58 11.05 27.73
N ASN B 81 2.38 9.99 27.80
CA ASN B 81 3.84 10.11 27.70
C ASN B 81 4.23 9.91 26.23
N GLY B 82 4.31 11.01 25.51
CA GLY B 82 4.66 10.98 24.11
C GLY B 82 3.45 11.07 23.19
N LYS B 83 3.70 10.78 21.92
CA LYS B 83 2.65 10.80 20.91
C LYS B 83 2.54 9.42 20.30
N HIS B 84 3.05 9.22 19.07
CA HIS B 84 2.92 7.92 18.41
C HIS B 84 3.91 6.92 18.99
N GLY B 85 5.17 7.32 19.17
CA GLY B 85 6.15 6.43 19.75
C GLY B 85 7.56 6.62 19.21
N LYS B 86 8.50 6.91 20.11
CA LYS B 86 9.92 6.99 19.78
C LYS B 86 10.69 6.18 20.80
N LYS B 87 11.91 5.79 20.42
CA LYS B 87 12.80 5.07 21.32
C LYS B 87 13.77 6.08 21.92
N VAL B 88 13.43 6.57 23.12
CA VAL B 88 14.20 7.59 23.81
C VAL B 88 14.93 6.93 24.98
N ASN B 89 16.27 6.97 24.93
CA ASN B 89 17.12 6.37 25.96
C ASN B 89 16.79 4.89 26.16
N ASN B 90 16.68 4.18 25.03
CA ASN B 90 16.40 2.74 24.95
C ASN B 90 15.00 2.39 25.44
N VAL B 91 14.14 3.37 25.67
CA VAL B 91 12.77 3.15 26.16
C VAL B 91 11.80 3.67 25.12
N TRP B 92 10.79 2.86 24.81
CA TRP B 92 9.74 3.28 23.88
C TRP B 92 8.66 4.05 24.63
N ASN B 93 8.31 5.22 24.10
CA ASN B 93 7.23 6.03 24.63
C ASN B 93 6.05 6.00 23.68
N GLY B 94 5.08 6.89 23.92
CA GLY B 94 3.94 6.99 23.04
C GLY B 94 3.09 5.74 23.01
N MET B 95 2.31 5.63 21.93
CA MET B 95 1.42 4.48 21.76
C MET B 95 2.20 3.18 21.64
N ILE B 96 3.37 3.23 21.00
CA ILE B 96 4.20 2.03 20.88
C ILE B 96 4.60 1.54 22.27
N GLY B 97 4.96 2.46 23.15
CA GLY B 97 5.38 2.06 24.49
C GLY B 97 4.27 1.38 25.27
N GLU B 98 3.04 1.91 25.18
CA GLU B 98 1.92 1.29 25.88
C GLU B 98 1.69 -0.14 25.42
N VAL B 99 2.02 -0.45 24.17
CA VAL B 99 1.85 -1.81 23.67
C VAL B 99 3.04 -2.68 24.06
N VAL B 100 4.26 -2.15 23.88
CA VAL B 100 5.47 -2.91 24.18
C VAL B 100 5.47 -3.34 25.65
N TYR B 101 5.17 -2.41 26.54
CA TYR B 101 5.19 -2.65 27.98
C TYR B 101 3.87 -3.19 28.50
N GLN B 102 3.04 -3.76 27.62
CA GLN B 102 1.83 -4.52 27.94
C GLN B 102 0.75 -3.72 28.66
N ARG B 103 0.80 -2.39 28.62
CA ARG B 103 -0.29 -1.60 29.19
C ARG B 103 -1.50 -1.54 28.26
N ALA B 104 -1.30 -1.79 26.97
CA ALA B 104 -2.40 -1.85 26.01
C ALA B 104 -2.24 -3.10 25.15
N VAL B 105 -3.37 -3.68 24.76
CA VAL B 105 -3.33 -4.82 23.85
C VAL B 105 -3.10 -4.36 22.41
N MET B 106 -3.63 -3.19 22.04
CA MET B 106 -3.43 -2.66 20.71
C MET B 106 -3.51 -1.14 20.75
N ALA B 107 -2.98 -0.51 19.70
CA ALA B 107 -2.95 0.94 19.57
C ALA B 107 -3.63 1.33 18.26
N VAL B 108 -4.57 2.26 18.35
CA VAL B 108 -5.35 2.70 17.19
C VAL B 108 -5.09 4.18 16.97
N GLY B 109 -4.72 4.54 15.75
CA GLY B 109 -4.44 5.92 15.43
C GLY B 109 -3.65 6.02 14.14
N SER B 110 -3.24 7.25 13.83
CA SER B 110 -2.42 7.52 12.63
C SER B 110 -0.98 7.07 12.87
N LEU B 111 -0.82 5.76 13.08
CA LEU B 111 0.45 5.16 13.46
C LEU B 111 1.12 4.56 12.23
N THR B 112 2.23 5.16 11.81
CA THR B 112 2.92 4.71 10.61
C THR B 112 3.66 3.40 10.87
N ILE B 113 3.54 2.48 9.93
CA ILE B 113 4.26 1.20 9.98
C ILE B 113 5.69 1.41 9.50
N ASN B 114 6.67 1.04 10.31
CA ASN B 114 8.06 1.08 9.88
C ASN B 114 8.78 -0.16 10.40
N GLU B 115 10.03 -0.32 9.95
CA GLU B 115 10.82 -1.47 10.36
C GLU B 115 11.21 -1.37 11.83
N GLU B 116 11.58 -0.17 12.29
CA GLU B 116 12.02 0.02 13.66
C GLU B 116 10.96 -0.45 14.66
N ARG B 117 9.73 0.06 14.52
CA ARG B 117 8.66 -0.32 15.44
C ARG B 117 8.25 -1.78 15.27
N SER B 118 8.32 -2.31 14.05
CA SER B 118 7.88 -3.68 13.81
C SER B 118 8.72 -4.71 14.55
N GLU B 119 9.90 -4.31 15.05
CA GLU B 119 10.73 -5.22 15.81
C GLU B 119 10.24 -5.39 17.25
N VAL B 120 9.50 -4.43 17.79
CA VAL B 120 9.00 -4.51 19.15
C VAL B 120 7.49 -4.74 19.21
N VAL B 121 6.74 -4.37 18.18
CA VAL B 121 5.31 -4.62 18.12
C VAL B 121 4.99 -5.30 16.79
N ASP B 122 3.84 -5.95 16.76
CA ASP B 122 3.27 -6.44 15.50
C ASP B 122 2.32 -5.38 14.95
N PHE B 123 2.36 -5.20 13.64
CA PHE B 123 1.45 -4.29 12.96
C PHE B 123 0.43 -5.08 12.17
N SER B 124 -0.80 -4.57 12.14
CA SER B 124 -1.83 -5.13 11.27
C SER B 124 -1.50 -4.78 9.83
N VAL B 125 -2.37 -5.23 8.92
CA VAL B 125 -2.29 -4.78 7.54
C VAL B 125 -2.61 -3.29 7.52
N PRO B 126 -2.03 -2.51 6.61
CA PRO B 126 -2.35 -1.08 6.57
C PRO B 126 -3.78 -0.84 6.11
N PHE B 127 -4.45 0.10 6.77
CA PHE B 127 -5.78 0.52 6.38
C PHE B 127 -5.81 1.84 5.64
N VAL B 128 -4.68 2.57 5.60
CA VAL B 128 -4.55 3.81 4.85
C VAL B 128 -3.12 3.90 4.34
N GLU B 129 -2.95 4.08 3.04
CA GLU B 129 -1.61 4.22 2.47
C GLU B 129 -1.01 5.57 2.84
N THR B 130 0.30 5.57 3.10
CA THR B 130 1.02 6.81 3.34
C THR B 130 2.46 6.64 2.88
N GLY B 131 3.29 7.63 3.19
CA GLY B 131 4.66 7.68 2.76
C GLY B 131 5.14 9.12 2.76
N ILE B 132 6.22 9.36 2.03
CA ILE B 132 6.76 10.71 1.87
C ILE B 132 6.25 11.26 0.55
N SER B 133 5.43 12.31 0.61
CA SER B 133 4.83 12.92 -0.56
C SER B 133 5.25 14.40 -0.64
N VAL B 134 4.80 15.07 -1.69
CA VAL B 134 5.16 16.47 -1.95
C VAL B 134 3.89 17.26 -2.23
N MET B 135 3.79 18.45 -1.67
CA MET B 135 2.70 19.37 -1.93
C MET B 135 3.25 20.66 -2.49
N VAL B 136 2.68 21.11 -3.61
CA VAL B 136 3.10 22.34 -4.27
C VAL B 136 1.88 23.18 -4.56
N SER B 137 2.11 24.45 -4.86
CA SER B 137 1.05 25.29 -5.41
C SER B 137 0.67 24.78 -6.79
N ARG B 138 -0.63 24.78 -7.06
CA ARG B 138 -1.15 24.19 -8.30
C ARG B 138 -0.47 24.81 -9.53
N GLY B 139 0.20 23.97 -10.31
CA GLY B 139 0.92 24.44 -11.47
C GLY B 139 2.38 24.02 -11.45
N THR B 140 2.99 24.02 -10.28
CA THR B 140 4.40 23.65 -10.16
C THR B 140 4.61 22.20 -10.57
N GLN B 141 5.71 21.94 -11.27
CA GLN B 141 6.00 20.63 -11.85
C GLN B 141 7.14 19.98 -11.07
N VAL B 142 6.81 18.96 -10.28
CA VAL B 142 7.81 18.07 -9.69
C VAL B 142 7.20 16.68 -9.60
N THR B 143 8.05 15.66 -9.76
CA THR B 143 7.63 14.30 -9.47
C THR B 143 7.68 14.08 -7.96
N GLY B 144 8.20 12.93 -7.54
CA GLY B 144 8.31 12.63 -6.13
C GLY B 144 9.58 13.17 -5.51
N LEU B 145 9.96 12.58 -4.37
CA LEU B 145 11.15 13.02 -3.65
C LEU B 145 12.41 12.78 -4.46
N SER B 146 12.41 11.75 -5.31
CA SER B 146 13.58 11.35 -6.09
C SER B 146 13.84 12.26 -7.28
N ASP B 147 13.03 13.31 -7.48
CA ASP B 147 13.26 14.24 -8.57
C ASP B 147 14.63 14.88 -8.46
N LYS B 148 15.29 15.07 -9.61
CA LYS B 148 16.60 15.71 -9.63
C LYS B 148 16.53 17.15 -9.15
N LYS B 149 15.38 17.81 -9.34
CA LYS B 149 15.20 19.17 -8.86
C LYS B 149 15.30 19.26 -7.34
N PHE B 150 15.08 18.15 -6.63
CA PHE B 150 15.26 18.08 -5.19
C PHE B 150 16.64 17.56 -4.83
N GLN B 151 17.08 16.48 -5.48
CA GLN B 151 18.38 15.90 -5.15
C GLN B 151 19.52 16.85 -5.49
N ARG B 152 19.43 17.55 -6.62
CA ARG B 152 20.44 18.49 -7.07
C ARG B 152 19.77 19.82 -7.42
N PRO B 153 19.33 20.57 -6.40
CA PRO B 153 18.57 21.80 -6.69
C PRO B 153 19.37 22.84 -7.44
N HIS B 154 20.69 22.84 -7.28
CA HIS B 154 21.59 23.79 -7.94
CA HIS B 154 21.48 23.86 -7.95
C HIS B 154 21.71 23.56 -9.44
N ASP B 155 21.31 22.38 -9.92
CA ASP B 155 21.38 22.09 -11.35
C ASP B 155 20.33 22.86 -12.15
N TYR B 156 19.38 23.52 -11.47
CA TYR B 156 18.29 24.20 -12.12
C TYR B 156 18.24 25.64 -11.63
N SER B 157 17.78 26.55 -12.50
CA SER B 157 17.72 27.97 -12.20
C SER B 157 16.35 28.50 -12.58
N PRO B 158 15.57 29.09 -11.65
CA PRO B 158 15.97 29.23 -10.25
C PRO B 158 15.83 27.92 -9.47
N PRO B 159 16.74 27.68 -8.52
CA PRO B 159 16.67 26.44 -7.75
C PRO B 159 15.39 26.35 -6.93
N PHE B 160 14.89 25.14 -6.79
CA PHE B 160 13.67 24.91 -6.02
C PHE B 160 13.88 25.24 -4.55
N ARG B 161 12.86 25.80 -3.92
CA ARG B 161 12.86 26.12 -2.50
C ARG B 161 11.85 25.21 -1.82
N PHE B 162 12.34 24.27 -1.02
CA PHE B 162 11.47 23.26 -0.42
C PHE B 162 12.02 22.87 0.95
N GLY B 163 11.11 22.51 1.84
CA GLY B 163 11.49 22.11 3.19
C GLY B 163 10.44 21.22 3.81
N THR B 164 10.66 20.90 5.09
CA THR B 164 9.76 20.05 5.85
C THR B 164 9.66 20.60 7.26
N VAL B 165 9.07 19.84 8.17
CA VAL B 165 9.05 20.17 9.59
C VAL B 165 10.17 19.40 10.26
N PRO B 166 11.09 20.05 10.96
CA PRO B 166 12.25 19.36 11.51
C PRO B 166 11.85 18.37 12.61
N ASN B 167 12.81 17.50 12.94
CA ASN B 167 12.67 16.54 14.03
C ASN B 167 11.45 15.64 13.87
N GLY B 168 11.08 15.34 12.63
CA GLY B 168 10.02 14.41 12.32
C GLY B 168 10.54 13.18 11.61
N SER B 169 9.59 12.32 11.22
CA SER B 169 9.96 11.11 10.48
C SER B 169 10.44 11.45 9.08
N THR B 170 9.86 12.48 8.46
CA THR B 170 10.24 12.84 7.09
C THR B 170 11.68 13.33 7.04
N GLU B 171 12.06 14.24 7.94
CA GLU B 171 13.43 14.74 7.94
C GLU B 171 14.42 13.62 8.26
N ARG B 172 14.04 12.72 9.17
CA ARG B 172 14.92 11.61 9.52
C ARG B 172 15.19 10.72 8.31
N ASN B 173 14.17 10.48 7.49
CA ASN B 173 14.36 9.68 6.29
C ASN B 173 15.24 10.41 5.28
N ILE B 174 14.97 11.69 5.05
CA ILE B 174 15.72 12.46 4.06
C ILE B 174 17.18 12.57 4.48
N ARG B 175 17.44 12.73 5.78
CA ARG B 175 18.81 12.80 6.27
C ARG B 175 19.58 11.54 5.94
N ASN B 176 18.92 10.39 5.98
CA ASN B 176 19.61 9.12 5.75
C ASN B 176 19.75 8.79 4.27
N ASN B 177 18.81 9.22 3.43
CA ASN B 177 18.77 8.79 2.04
C ASN B 177 19.28 9.83 1.05
N TYR B 178 19.07 11.12 1.32
CA TYR B 178 19.50 12.20 0.44
C TYR B 178 20.22 13.25 1.27
N PRO B 179 21.48 12.99 1.64
CA PRO B 179 22.17 13.90 2.57
C PRO B 179 22.25 15.34 2.09
N TYR B 180 22.60 15.57 0.82
CA TYR B 180 22.70 16.96 0.36
C TYR B 180 21.33 17.62 0.32
N MET B 181 20.29 16.89 -0.08
CA MET B 181 18.95 17.46 -0.05
C MET B 181 18.58 17.90 1.35
N HIS B 182 18.94 17.10 2.35
CA HIS B 182 18.66 17.47 3.74
C HIS B 182 19.41 18.73 4.13
N GLN B 183 20.69 18.82 3.77
CA GLN B 183 21.47 20.02 4.09
C GLN B 183 20.86 21.26 3.41
N TYR B 184 20.36 21.09 2.18
CA TYR B 184 19.72 22.19 1.47
C TYR B 184 18.41 22.61 2.13
N MET B 185 17.69 21.65 2.73
CA MET B 185 16.37 21.92 3.27
C MET B 185 16.38 22.67 4.59
N THR B 186 17.51 22.69 5.31
CA THR B 186 17.54 23.22 6.66
C THR B 186 17.09 24.69 6.69
N ARG B 187 17.52 25.48 5.70
CA ARG B 187 17.14 26.88 5.65
C ARG B 187 15.74 27.11 5.09
N PHE B 188 14.98 26.04 4.84
CA PHE B 188 13.62 26.15 4.33
C PHE B 188 12.60 25.43 5.21
N ASN B 189 13.01 24.91 6.36
CA ASN B 189 12.09 24.15 7.20
CA ASN B 189 12.09 24.15 7.20
C ASN B 189 11.07 25.08 7.87
N GLN B 190 9.94 24.50 8.24
CA GLN B 190 8.81 25.24 8.79
C GLN B 190 8.52 24.80 10.22
N ARG B 191 7.87 25.71 10.96
CA ARG B 191 7.44 25.37 12.32
C ARG B 191 6.50 24.17 12.31
N GLY B 192 5.46 24.23 11.48
CA GLY B 192 4.49 23.14 11.40
C GLY B 192 3.80 23.08 10.05
N VAL B 193 2.71 22.31 9.99
CA VAL B 193 1.97 22.17 8.74
C VAL B 193 1.32 23.49 8.34
N GLU B 194 0.76 24.21 9.31
CA GLU B 194 0.05 25.44 8.99
C GLU B 194 0.98 26.49 8.40
N ASP B 195 2.15 26.68 9.03
CA ASP B 195 3.11 27.65 8.53
C ASP B 195 3.73 27.23 7.21
N ALA B 196 3.67 25.94 6.86
CA ALA B 196 4.17 25.49 5.58
C ALA B 196 3.22 25.85 4.45
N LEU B 197 1.92 25.61 4.65
CA LEU B 197 0.94 25.92 3.61
C LEU B 197 0.88 27.41 3.33
N VAL B 198 1.08 28.24 4.34
CA VAL B 198 1.14 29.68 4.12
C VAL B 198 2.36 30.05 3.28
N SER B 199 3.48 29.37 3.51
CA SER B 199 4.68 29.66 2.74
C SER B 199 4.49 29.29 1.27
N LEU B 200 3.72 28.23 1.00
CA LEU B 200 3.45 27.86 -0.40
C LEU B 200 2.53 28.88 -1.06
N LYS B 201 1.49 29.33 -0.35
CA LYS B 201 0.57 30.31 -0.92
C LYS B 201 1.23 31.66 -1.14
N THR B 202 2.01 32.12 -0.17
CA THR B 202 2.65 33.43 -0.24
C THR B 202 3.89 33.43 -1.12
N GLY B 203 4.15 32.36 -1.86
CA GLY B 203 5.28 32.33 -2.76
C GLY B 203 6.63 32.21 -2.10
N LYS B 204 6.68 32.06 -0.77
CA LYS B 204 7.95 31.93 -0.07
C LYS B 204 8.51 30.51 -0.12
N LEU B 205 7.73 29.54 -0.59
CA LEU B 205 8.15 28.15 -0.63
C LEU B 205 7.54 27.51 -1.87
N ASP B 206 8.34 26.72 -2.58
CA ASP B 206 7.87 26.08 -3.81
C ASP B 206 7.30 24.68 -3.57
N ALA B 207 7.81 23.95 -2.57
CA ALA B 207 7.34 22.60 -2.31
C ALA B 207 7.45 22.32 -0.83
N PHE B 208 6.52 21.50 -0.32
CA PHE B 208 6.51 21.07 1.07
C PHE B 208 6.47 19.55 1.10
N ILE B 209 7.43 18.94 1.77
CA ILE B 209 7.61 17.50 1.78
C ILE B 209 7.23 16.99 3.17
N TYR B 210 6.26 16.08 3.23
CA TYR B 210 5.70 15.66 4.50
C TYR B 210 4.95 14.35 4.31
N ASP B 211 4.34 13.87 5.39
CA ASP B 211 3.57 12.62 5.38
C ASP B 211 2.51 12.65 4.29
N ALA B 212 2.39 11.53 3.57
CA ALA B 212 1.53 11.50 2.39
C ALA B 212 0.06 11.65 2.76
N ALA B 213 -0.42 10.87 3.72
CA ALA B 213 -1.83 10.92 4.10
C ALA B 213 -2.22 12.29 4.62
N VAL B 214 -1.32 12.94 5.38
CA VAL B 214 -1.62 14.26 5.92
C VAL B 214 -1.69 15.29 4.82
N LEU B 215 -0.73 15.26 3.89
CA LEU B 215 -0.73 16.22 2.80
C LEU B 215 -1.97 16.07 1.92
N ASN B 216 -2.39 14.83 1.66
N ASN B 216 -2.39 14.83 1.67
CA ASN B 216 -3.59 14.62 0.86
CA ASN B 216 -3.58 14.60 0.87
C ASN B 216 -4.82 15.16 1.56
C ASN B 216 -4.82 15.14 1.57
N TYR B 217 -4.88 15.02 2.89
CA TYR B 217 -6.02 15.54 3.64
C TYR B 217 -6.07 17.06 3.61
N MET B 218 -4.91 17.71 3.74
CA MET B 218 -4.86 19.16 3.68
C MET B 218 -5.15 19.67 2.28
N ALA B 219 -4.79 18.90 1.25
CA ALA B 219 -5.03 19.34 -0.12
C ALA B 219 -6.51 19.31 -0.47
N ARG B 220 -7.25 18.34 0.07
CA ARG B 220 -8.66 18.19 -0.31
C ARG B 220 -9.55 19.22 0.35
N LYS B 221 -9.08 19.91 1.39
CA LYS B 221 -9.87 20.93 2.08
C LYS B 221 -9.19 22.30 2.03
N ASP B 222 -8.23 22.48 1.14
CA ASP B 222 -7.55 23.77 1.02
C ASP B 222 -8.50 24.84 0.50
N GLU B 223 -8.45 26.01 1.14
CA GLU B 223 -9.29 27.13 0.71
C GLU B 223 -8.81 27.63 -0.64
N GLY B 224 -9.69 27.57 -1.63
CA GLY B 224 -9.35 27.93 -2.99
C GLY B 224 -8.81 26.80 -3.83
N CYS B 225 -8.50 25.65 -3.22
CA CYS B 225 -7.96 24.49 -3.92
C CYS B 225 -6.73 24.85 -4.74
N LYS B 226 -5.83 25.62 -4.14
CA LYS B 226 -4.60 26.05 -4.81
C LYS B 226 -3.42 25.14 -4.54
N LEU B 227 -3.51 24.28 -3.52
CA LEU B 227 -2.43 23.37 -3.15
C LEU B 227 -2.80 21.95 -3.57
N VAL B 228 -1.86 21.28 -4.22
N VAL B 228 -1.86 21.28 -4.23
CA VAL B 228 -2.07 19.93 -4.72
CA VAL B 228 -2.06 19.93 -4.74
C VAL B 228 -0.87 19.07 -4.35
C VAL B 228 -0.86 19.08 -4.36
N THR B 229 -1.11 17.78 -4.16
CA THR B 229 -0.06 16.81 -3.89
C THR B 229 0.25 16.02 -5.15
N ILE B 230 1.41 15.36 -5.14
CA ILE B 230 1.80 14.52 -6.27
C ILE B 230 0.90 13.28 -6.32
N GLY B 231 0.93 12.59 -7.45
CA GLY B 231 0.20 11.35 -7.57
C GLY B 231 0.75 10.26 -6.66
N SER B 232 -0.12 9.31 -6.33
CA SER B 232 0.27 8.26 -5.38
C SER B 232 1.43 7.42 -5.92
N GLY B 233 1.56 7.32 -7.25
CA GLY B 233 2.64 6.53 -7.83
C GLY B 233 4.02 7.07 -7.56
N TYR B 234 4.13 8.34 -7.15
CA TYR B 234 5.43 8.97 -6.91
C TYR B 234 5.70 9.18 -5.43
N ILE B 235 4.90 8.58 -4.55
CA ILE B 235 5.17 8.65 -3.11
C ILE B 235 6.42 7.85 -2.79
N PHE B 236 7.27 8.41 -1.93
CA PHE B 236 8.54 7.78 -1.56
C PHE B 236 8.40 7.06 -0.23
N ALA B 237 9.06 5.89 -0.14
CA ALA B 237 9.03 5.04 1.05
C ALA B 237 7.60 4.75 1.47
N THR B 238 6.85 4.14 0.55
CA THR B 238 5.43 3.92 0.77
C THR B 238 5.22 2.95 1.91
N THR B 239 4.16 3.20 2.69
CA THR B 239 3.82 2.37 3.83
C THR B 239 2.34 2.60 4.15
N GLY B 240 1.98 2.44 5.42
CA GLY B 240 0.60 2.73 5.78
C GLY B 240 0.46 2.96 7.26
N TYR B 241 -0.71 3.48 7.62
CA TYR B 241 -1.13 3.50 9.02
C TYR B 241 -1.63 2.10 9.38
N GLY B 242 -1.15 1.60 10.52
CA GLY B 242 -1.52 0.27 10.96
C GLY B 242 -1.81 0.24 12.44
N ILE B 243 -2.49 -0.81 12.86
CA ILE B 243 -2.81 -1.04 14.26
C ILE B 243 -1.68 -1.86 14.88
N ALA B 244 -1.03 -1.30 15.90
CA ALA B 244 0.03 -1.99 16.60
C ALA B 244 -0.57 -2.96 17.61
N LEU B 245 0.03 -4.14 17.71
CA LEU B 245 -0.34 -5.12 18.71
C LEU B 245 0.92 -5.66 19.37
N GLN B 246 0.74 -6.39 20.45
CA GLN B 246 1.88 -7.04 21.09
C GLN B 246 2.37 -8.19 20.23
N LYS B 247 3.68 -8.41 20.23
CA LYS B 247 4.26 -9.44 19.40
C LYS B 247 3.66 -10.81 19.75
N GLY B 248 3.26 -11.55 18.73
CA GLY B 248 2.59 -12.82 18.96
C GLY B 248 1.18 -12.70 19.50
N SER B 249 0.50 -11.61 19.19
CA SER B 249 -0.84 -11.38 19.74
C SER B 249 -1.82 -12.36 19.10
N PRO B 250 -2.75 -12.92 19.89
CA PRO B 250 -3.76 -13.80 19.31
C PRO B 250 -4.84 -13.07 18.53
N TRP B 251 -4.82 -11.74 18.52
CA TRP B 251 -5.83 -10.95 17.82
C TRP B 251 -5.41 -10.51 16.42
N LYS B 252 -4.11 -10.58 16.10
CA LYS B 252 -3.63 -9.98 14.86
C LYS B 252 -4.27 -10.63 13.64
N ARG B 253 -4.46 -11.95 13.67
CA ARG B 253 -5.04 -12.64 12.52
C ARG B 253 -6.46 -12.15 12.24
N GLN B 254 -7.29 -12.09 13.29
CA GLN B 254 -8.67 -11.64 13.09
C GLN B 254 -8.75 -10.16 12.73
N ILE B 255 -7.84 -9.35 13.26
CA ILE B 255 -7.84 -7.93 12.93
C ILE B 255 -7.51 -7.73 11.45
N ASP B 256 -6.55 -8.51 10.94
CA ASP B 256 -6.16 -8.38 9.53
C ASP B 256 -7.31 -8.75 8.61
N LEU B 257 -7.96 -9.88 8.88
CA LEU B 257 -9.07 -10.31 8.03
C LEU B 257 -10.21 -9.31 8.06
N ALA B 258 -10.49 -8.74 9.24
CA ALA B 258 -11.54 -7.73 9.34
C ALA B 258 -11.17 -6.47 8.57
N LEU B 259 -9.91 -6.03 8.68
CA LEU B 259 -9.49 -4.84 7.95
C LEU B 259 -9.53 -5.07 6.45
N LEU B 260 -9.02 -6.21 6.00
CA LEU B 260 -9.07 -6.53 4.57
C LEU B 260 -10.51 -6.66 4.08
N GLN B 261 -11.39 -7.18 4.92
CA GLN B 261 -12.81 -7.20 4.59
C GLN B 261 -13.35 -5.80 4.39
N PHE B 262 -12.97 -4.86 5.27
CA PHE B 262 -13.46 -3.49 5.16
C PHE B 262 -12.98 -2.83 3.89
N VAL B 263 -11.73 -3.09 3.49
CA VAL B 263 -11.23 -2.55 2.22
C VAL B 263 -12.00 -3.14 1.05
N GLY B 264 -12.29 -4.44 1.11
CA GLY B 264 -13.05 -5.09 0.05
C GLY B 264 -14.52 -4.74 0.07
N ASP B 265 -15.10 -4.58 1.27
CA ASP B 265 -16.51 -4.24 1.37
C ASP B 265 -16.81 -2.87 0.79
N GLY B 266 -15.86 -1.95 0.85
CA GLY B 266 -16.13 -0.56 0.59
C GLY B 266 -16.42 0.24 1.84
N GLU B 267 -16.48 -0.41 3.00
CA GLU B 267 -16.66 0.33 4.26
C GLU B 267 -15.51 1.29 4.49
N MET B 268 -14.29 0.90 4.10
CA MET B 268 -13.14 1.77 4.28
C MET B 268 -13.27 3.03 3.43
N GLU B 269 -13.71 2.88 2.17
CA GLU B 269 -13.94 4.04 1.32
C GLU B 269 -14.99 4.96 1.92
N GLU B 270 -16.04 4.39 2.51
CA GLU B 270 -17.07 5.20 3.16
C GLU B 270 -16.46 6.05 4.27
N LEU B 271 -15.56 5.47 5.06
CA LEU B 271 -14.92 6.23 6.14
C LEU B 271 -13.98 7.28 5.57
N GLU B 272 -13.30 6.99 4.46
CA GLU B 272 -12.44 7.99 3.84
C GLU B 272 -13.24 9.16 3.29
N THR B 273 -14.37 8.87 2.66
CA THR B 273 -15.27 9.93 2.21
C THR B 273 -15.86 10.70 3.39
N LEU B 274 -16.10 10.02 4.52
CA LEU B 274 -16.75 10.67 5.64
C LEU B 274 -15.80 11.59 6.39
N TRP B 275 -14.58 11.13 6.66
CA TRP B 275 -13.64 11.85 7.52
C TRP B 275 -12.50 12.52 6.79
N LEU B 276 -12.01 11.95 5.69
CA LEU B 276 -10.76 12.40 5.07
C LEU B 276 -10.95 13.21 3.80
N THR B 277 -12.05 13.03 3.07
CA THR B 277 -12.25 13.74 1.83
C THR B 277 -12.82 15.13 2.09
N GLY B 278 -12.29 16.12 1.38
CA GLY B 278 -12.76 17.48 1.48
C GLY B 278 -13.56 17.92 0.28
N ILE B 279 -13.45 19.20 -0.09
CA ILE B 279 -14.25 19.76 -1.17
C ILE B 279 -13.46 19.95 -2.46
N CYS B 280 -12.14 19.81 -2.43
CA CYS B 280 -11.33 19.93 -3.63
C CYS B 280 -11.26 18.61 -4.38
C1 GOL C . 4.02 2.15 -4.28
O1 GOL C . 5.03 1.43 -3.66
C2 GOL C . 4.66 2.83 -5.51
O2 GOL C . 3.78 2.85 -6.59
C3 GOL C . 4.99 4.25 -5.04
O3 GOL C . 5.87 4.77 -5.98
N GLY D . -2.63 -9.03 -9.05
CA GLY D . -3.40 -10.14 -9.56
C GLY D . -3.70 -11.20 -8.50
O GLY D . -3.06 -11.23 -7.45
OXT GLY D . -4.57 -12.04 -8.68
C1 GOL E . 9.52 4.34 -3.01
O1 GOL E . 9.60 5.53 -3.73
C2 GOL E . 8.25 3.63 -3.51
O2 GOL E . 8.29 3.37 -4.86
C3 GOL E . 8.18 2.33 -2.68
O3 GOL E . 8.57 2.63 -1.38
N QM4 F . 2.31 8.97 11.57
CA QM4 F . 3.02 9.50 12.75
C QM4 F . 3.85 8.40 13.44
O QM4 F . 4.83 8.78 14.13
CB QM4 F . 3.86 10.72 12.35
CG QM4 F . 4.82 10.41 11.39
OD1 QM4 F . 4.77 9.27 10.86
OD2 QM4 F . 5.66 11.29 11.13
OXT QM4 F . 3.49 7.22 13.27
CAB QM4 F . -1.39 16.44 11.19
CAC QM4 F . 2.62 12.78 12.53
CAF QM4 F . -0.39 15.54 11.52
CAK QM4 F . 0.95 15.95 11.58
CAL QM4 F . 1.41 9.98 10.97
CAM QM4 F . 1.94 15.04 11.92
CAP QM4 F . -2.02 13.79 11.72
CAQ QM4 F . -3.45 18.22 10.53
CAS QM4 F . -4.48 19.08 10.21
CAT QM4 F . -1.11 17.77 10.92
CAV QM4 F . 0.30 13.32 12.12
CAW QM4 F . -3.74 16.89 10.80
CAX QM4 F . -2.72 16.00 11.14
CAY QM4 F . -5.13 19.55 11.51
CAZ QM4 F . 1.63 13.71 12.17
CBA QM4 F . -0.71 14.22 11.78
CBC QM4 F . -2.13 18.65 10.59
CBD QM4 F . -3.04 14.67 11.40
CBE QM4 F . -6.46 20.24 11.22
CBG QM4 F . 2.18 11.24 10.60
NAI QM4 F . 2.89 11.68 11.81
OAO QM4 F . -7.31 20.27 12.15
OAU QM4 F . 3.24 13.02 13.56
OBB QM4 F . -6.60 20.74 10.08
#